data_6DIU
#
_entry.id   6DIU
#
_cell.length_a   55.085
_cell.length_b   59.633
_cell.length_c   58.462
_cell.angle_alpha   90.00
_cell.angle_beta   90.00
_cell.angle_gamma   90.00
#
_symmetry.space_group_name_H-M   'P 21 21 21'
#
loop_
_entity.id
_entity.type
_entity.pdbx_description
1 polymer 'NS3 protease'
2 non-polymer 'ZINC ION'
3 non-polymer 'SULFATE ION'
4 non-polymer '1-methylcyclopentyl [(2R,6S,12Z,13aS,14aR,16aS)-2-[(7-methoxy-3-methylquinoxalin-2-yl)oxy]-14a-{[(1-methylcyclopropyl)sulfonyl]carbamoyl}-5,16-dioxo-1,2,3,5,6,7,8,9,10,11,13a,14,14a,15,16,16a-hexadecahydrocyclopropa[e]pyrrolo[1,2-a][1,4]diazacyclopentadecin-6-yl]carbamate'
5 non-polymer GLYCEROL
6 water water
#
_entity_poly.entity_id   1
_entity_poly.type   'polypeptide(L)'
_entity_poly.pdbx_seq_one_letter_code
;HMASMKKKGSVVIVGRINLSGDTAYAQQTRGEEGCQETSQTGRDKNQVEGEVQIVSTATQTFLATSINGVLWTVYHGAGT
RTIASPKGPVTQMYTNVDKDLVGWQAPQGSRSLTPCTCGSSDLYLVTRHADVIPVRRRGDSRGSLLSPRPISYLKGSSGG
PLLCPAGHAVGIFRAAVSTRGVAKAVDFIPVESLETTMR
;
_entity_poly.pdbx_strand_id   A
#
loop_
_chem_comp.id
_chem_comp.type
_chem_comp.name
_chem_comp.formula
GKM non-polymer '1-methylcyclopentyl [(2R,6S,12Z,13aS,14aR,16aS)-2-[(7-methoxy-3-methylquinoxalin-2-yl)oxy]-14a-{[(1-methylcyclopropyl)sulfonyl]carbamoyl}-5,16-dioxo-1,2,3,5,6,7,8,9,10,11,13a,14,14a,15,16,16a-hexadecahydrocyclopropa[e]pyrrolo[1,2-a][1,4]diazacyclopentadecin-6-yl]carbamate' 'C39 H52 N6 O9 S'
GOL non-polymer GLYCEROL 'C3 H8 O3'
SO4 non-polymer 'SULFATE ION' 'O4 S -2'
ZN non-polymer 'ZINC ION' 'Zn 2'
#
# COMPACT_ATOMS: atom_id res chain seq x y z
N HIS A 1 -16.42 -14.86 26.39
CA HIS A 1 -15.82 -16.11 26.82
C HIS A 1 -15.12 -16.79 25.65
N MET A 2 -14.38 -17.86 25.93
CA MET A 2 -13.47 -18.42 24.94
C MET A 2 -14.22 -18.96 23.72
N ALA A 3 -15.30 -19.70 23.95
CA ALA A 3 -15.97 -20.36 22.84
C ALA A 3 -16.56 -19.35 21.84
N SER A 4 -16.87 -18.14 22.30
CA SER A 4 -17.51 -17.14 21.46
C SER A 4 -16.55 -16.08 20.94
N MET A 5 -15.25 -16.23 21.20
CA MET A 5 -14.29 -15.24 20.74
C MET A 5 -14.26 -15.18 19.22
N LYS A 6 -14.31 -13.98 18.68
CA LYS A 6 -14.34 -13.77 17.24
C LYS A 6 -12.94 -13.81 16.66
N LYS A 7 -12.88 -13.96 15.34
CA LYS A 7 -11.64 -13.96 14.58
C LYS A 7 -11.68 -12.78 13.62
N LYS A 8 -10.62 -11.98 13.61
CA LYS A 8 -10.55 -10.88 12.66
C LYS A 8 -10.37 -11.42 11.26
N GLY A 9 -11.03 -10.79 10.30
CA GLY A 9 -10.97 -11.23 8.93
C GLY A 9 -9.63 -10.92 8.29
N SER A 10 -9.47 -11.42 7.07
CA SER A 10 -8.26 -11.18 6.31
C SER A 10 -8.34 -9.84 5.59
N VAL A 11 -7.16 -9.29 5.26
CA VAL A 11 -7.10 -8.22 4.28
C VAL A 11 -7.52 -8.78 2.92
N VAL A 12 -8.26 -7.98 2.16
CA VAL A 12 -8.82 -8.41 0.89
C VAL A 12 -8.42 -7.42 -0.19
N ILE A 13 -7.89 -7.92 -1.31
CA ILE A 13 -7.64 -7.10 -2.48
C ILE A 13 -8.99 -6.84 -3.17
N VAL A 14 -9.35 -5.56 -3.29
CA VAL A 14 -10.62 -5.16 -3.89
C VAL A 14 -10.43 -4.39 -5.18
N GLY A 15 -9.19 -4.18 -5.63
CA GLY A 15 -8.97 -3.44 -6.85
C GLY A 15 -7.48 -3.16 -7.01
N ARG A 16 -7.19 -2.27 -7.96
CA ARG A 16 -5.81 -1.92 -8.25
C ARG A 16 -5.74 -0.54 -8.84
N ILE A 17 -4.54 0.05 -8.80
CA ILE A 17 -4.23 1.26 -9.53
C ILE A 17 -3.51 0.85 -10.80
N ASN A 18 -4.17 1.02 -11.94
CA ASN A 18 -3.61 0.59 -13.22
C ASN A 18 -2.58 1.61 -13.69
N LEU A 19 -1.34 1.16 -13.83
CA LEU A 19 -0.23 2.00 -14.30
C LEU A 19 0.42 1.43 -15.55
N SER A 20 -0.27 0.53 -16.26
CA SER A 20 0.35 -0.21 -17.35
C SER A 20 0.34 0.55 -18.66
N GLY A 21 -0.46 1.60 -18.79
CA GLY A 21 -0.54 2.34 -20.04
C GLY A 21 -0.07 3.77 -19.89
N ASP A 22 -0.63 4.68 -20.68
CA ASP A 22 -0.31 6.10 -20.56
C ASP A 22 -1.23 6.83 -19.59
N THR A 23 -2.30 6.18 -19.12
CA THR A 23 -3.26 6.80 -18.21
C THR A 23 -3.33 5.96 -16.94
N ALA A 24 -3.20 6.61 -15.80
CA ALA A 24 -3.35 5.94 -14.51
C ALA A 24 -4.81 6.05 -14.07
N TYR A 25 -5.38 4.92 -13.64
CA TYR A 25 -6.75 4.95 -13.17
C TYR A 25 -6.99 3.77 -12.24
N ALA A 26 -7.90 3.99 -11.30
CA ALA A 26 -8.26 2.96 -10.33
C ALA A 26 -9.28 2.00 -10.94
N GLN A 27 -9.11 0.72 -10.63
CA GLN A 27 -10.07 -0.32 -11.01
C GLN A 27 -10.51 -1.04 -9.76
N GLN A 28 -11.81 -1.29 -9.66
CA GLN A 28 -12.34 -2.14 -8.61
C GLN A 28 -12.57 -3.54 -9.18
N THR A 29 -12.14 -4.55 -8.43
CA THR A 29 -12.30 -5.93 -8.84
C THR A 29 -13.23 -6.72 -7.92
N ARG A 30 -13.63 -6.16 -6.79
CA ARG A 30 -14.56 -6.83 -5.88
C ARG A 30 -15.36 -5.79 -5.12
N GLY A 31 -16.67 -6.02 -5.01
CA GLY A 31 -17.56 -5.12 -4.30
C GLY A 31 -17.55 -5.35 -2.80
N GLU A 32 -18.31 -4.49 -2.11
CA GLU A 32 -18.28 -4.50 -0.64
C GLU A 32 -18.82 -5.81 -0.09
N GLU A 33 -19.94 -6.31 -0.64
CA GLU A 33 -20.50 -7.57 -0.17
C GLU A 33 -19.50 -8.71 -0.32
N GLY A 34 -18.97 -8.89 -1.52
CA GLY A 34 -17.97 -9.92 -1.75
C GLY A 34 -16.72 -9.74 -0.92
N CYS A 35 -16.36 -8.48 -0.63
CA CYS A 35 -15.20 -8.22 0.21
C CYS A 35 -15.43 -8.72 1.63
N GLN A 36 -16.62 -8.44 2.19
CA GLN A 36 -16.93 -8.91 3.53
C GLN A 36 -16.89 -10.43 3.60
N GLU A 37 -17.50 -11.11 2.63
CA GLU A 37 -17.46 -12.56 2.59
C GLU A 37 -16.03 -13.07 2.48
N THR A 38 -15.22 -12.45 1.62
CA THR A 38 -13.86 -12.92 1.40
C THR A 38 -12.98 -12.67 2.61
N SER A 39 -13.25 -11.59 3.37
CA SER A 39 -12.48 -11.33 4.57
C SER A 39 -12.71 -12.40 5.62
N GLN A 40 -13.93 -12.91 5.72
CA GLN A 40 -14.25 -13.92 6.72
C GLN A 40 -13.65 -15.27 6.35
N THR A 41 -13.77 -15.66 5.08
CA THR A 41 -13.27 -16.97 4.66
C THR A 41 -11.77 -16.96 4.40
N GLY A 42 -11.22 -15.82 3.99
CA GLY A 42 -9.84 -15.77 3.58
C GLY A 42 -9.55 -16.42 2.24
N ARG A 43 -10.59 -16.84 1.51
CA ARG A 43 -10.45 -17.46 0.20
C ARG A 43 -10.79 -16.43 -0.87
N ASP A 44 -9.80 -16.07 -1.68
CA ASP A 44 -9.96 -15.08 -2.75
C ASP A 44 -9.42 -15.67 -4.04
N LYS A 45 -10.31 -16.05 -4.94
CA LYS A 45 -9.93 -16.66 -6.21
C LYS A 45 -9.90 -15.65 -7.36
N ASN A 46 -10.06 -14.37 -7.08
CA ASN A 46 -10.03 -13.37 -8.14
C ASN A 46 -8.62 -13.22 -8.70
N GLN A 47 -8.56 -12.92 -10.00
CA GLN A 47 -7.27 -12.67 -10.64
C GLN A 47 -6.66 -11.37 -10.14
N VAL A 48 -5.37 -11.42 -9.84
CA VAL A 48 -4.62 -10.25 -9.38
C VAL A 48 -3.69 -9.81 -10.51
N GLU A 49 -3.56 -8.50 -10.68
N GLU A 49 -3.55 -8.49 -10.67
CA GLU A 49 -2.68 -7.93 -11.68
CA GLU A 49 -2.67 -7.93 -11.69
C GLU A 49 -2.08 -6.64 -11.14
C GLU A 49 -2.09 -6.63 -11.16
N GLY A 50 -0.92 -6.27 -11.69
CA GLY A 50 -0.33 -4.99 -11.41
C GLY A 50 0.49 -4.93 -10.13
N GLU A 51 1.01 -3.74 -9.88
CA GLU A 51 1.94 -3.48 -8.78
C GLU A 51 1.26 -2.90 -7.55
N VAL A 52 0.25 -2.05 -7.72
CA VAL A 52 -0.40 -1.36 -6.62
C VAL A 52 -1.82 -1.90 -6.49
N GLN A 53 -2.10 -2.51 -5.34
CA GLN A 53 -3.41 -3.07 -5.05
C GLN A 53 -4.17 -2.15 -4.11
N ILE A 54 -5.49 -2.09 -4.28
CA ILE A 54 -6.38 -1.49 -3.30
C ILE A 54 -6.88 -2.61 -2.40
N VAL A 55 -6.70 -2.44 -1.09
CA VAL A 55 -7.00 -3.49 -0.13
C VAL A 55 -7.98 -2.95 0.91
N SER A 56 -8.67 -3.88 1.56
CA SER A 56 -9.71 -3.51 2.51
C SER A 56 -9.83 -4.56 3.60
N THR A 57 -10.17 -4.11 4.79
CA THR A 57 -10.67 -4.95 5.86
C THR A 57 -12.16 -4.66 6.02
N ALA A 58 -12.75 -5.17 7.11
CA ALA A 58 -14.14 -4.84 7.39
C ALA A 58 -14.31 -3.36 7.70
N THR A 59 -13.27 -2.67 8.14
CA THR A 59 -13.40 -1.31 8.66
C THR A 59 -12.50 -0.27 8.00
N GLN A 60 -11.54 -0.67 7.17
N GLN A 60 -11.54 -0.67 7.17
CA GLN A 60 -10.62 0.28 6.58
CA GLN A 60 -10.60 0.27 6.58
C GLN A 60 -10.31 -0.13 5.14
C GLN A 60 -10.33 -0.12 5.13
N THR A 61 -9.90 0.86 4.34
CA THR A 61 -9.42 0.62 3.00
C THR A 61 -8.18 1.46 2.77
N PHE A 62 -7.20 0.88 2.07
CA PHE A 62 -5.92 1.53 1.86
C PHE A 62 -5.25 0.83 0.68
N LEU A 63 -3.93 0.98 0.56
CA LEU A 63 -3.20 0.45 -0.58
C LEU A 63 -2.14 -0.54 -0.13
N ALA A 64 -1.68 -1.33 -1.09
CA ALA A 64 -0.56 -2.25 -0.89
C ALA A 64 0.25 -2.30 -2.17
N THR A 65 1.57 -2.37 -2.03
CA THR A 65 2.50 -2.25 -3.15
C THR A 65 3.46 -3.43 -3.17
N SER A 66 3.63 -4.04 -4.34
N SER A 66 3.63 -4.04 -4.34
CA SER A 66 4.52 -5.18 -4.50
CA SER A 66 4.52 -5.17 -4.51
C SER A 66 5.91 -4.68 -4.85
C SER A 66 5.92 -4.68 -4.86
N ILE A 67 6.90 -5.07 -4.04
CA ILE A 67 8.30 -4.76 -4.29
C ILE A 67 9.10 -6.01 -3.95
N ASN A 68 9.95 -6.45 -4.88
CA ASN A 68 10.82 -7.61 -4.65
C ASN A 68 10.01 -8.86 -4.31
N GLY A 69 8.84 -9.02 -4.93
CA GLY A 69 8.03 -10.19 -4.69
C GLY A 69 7.34 -10.22 -3.34
N VAL A 70 7.22 -9.07 -2.68
CA VAL A 70 6.51 -8.94 -1.41
C VAL A 70 5.47 -7.84 -1.55
N LEU A 71 4.23 -8.14 -1.15
CA LEU A 71 3.18 -7.14 -1.12
C LEU A 71 3.26 -6.43 0.22
N TRP A 72 3.64 -5.15 0.19
CA TRP A 72 3.87 -4.36 1.39
C TRP A 72 2.69 -3.43 1.66
N THR A 73 2.42 -3.18 2.94
CA THR A 73 1.47 -2.16 3.34
C THR A 73 1.81 -1.72 4.77
N VAL A 74 0.90 -0.95 5.37
CA VAL A 74 1.14 -0.31 6.67
C VAL A 74 0.49 -1.13 7.78
N TYR A 75 1.18 -1.19 8.92
CA TYR A 75 0.63 -1.90 10.08
C TYR A 75 -0.65 -1.25 10.58
N HIS A 76 -0.75 0.08 10.49
CA HIS A 76 -1.93 0.75 11.02
C HIS A 76 -3.17 0.49 10.16
N GLY A 77 -3.01 -0.10 8.98
CA GLY A 77 -4.14 -0.55 8.20
C GLY A 77 -4.40 -2.04 8.38
N ALA A 78 -3.35 -2.85 8.31
CA ALA A 78 -3.50 -4.30 8.27
C ALA A 78 -3.37 -4.97 9.64
N GLY A 79 -2.78 -4.30 10.62
CA GLY A 79 -2.44 -5.00 11.86
C GLY A 79 -1.65 -6.25 11.55
N THR A 80 -1.94 -7.31 12.29
CA THR A 80 -1.32 -8.62 12.08
C THR A 80 -2.17 -9.53 11.20
N ARG A 81 -3.09 -8.96 10.41
N ARG A 81 -3.08 -8.96 10.41
CA ARG A 81 -4.05 -9.76 9.68
CA ARG A 81 -4.05 -9.74 9.67
C ARG A 81 -3.41 -10.57 8.58
C ARG A 81 -3.39 -10.58 8.59
N THR A 82 -3.99 -11.73 8.32
CA THR A 82 -3.68 -12.49 7.12
C THR A 82 -4.26 -11.77 5.90
N ILE A 83 -3.81 -12.19 4.72
CA ILE A 83 -4.37 -11.71 3.47
C ILE A 83 -5.10 -12.87 2.81
N ALA A 84 -6.26 -12.58 2.21
CA ALA A 84 -7.01 -13.61 1.51
C ALA A 84 -6.30 -14.02 0.24
N SER A 85 -6.30 -15.33 -0.05
CA SER A 85 -5.65 -15.85 -1.24
C SER A 85 -6.46 -17.03 -1.79
N PRO A 86 -6.17 -17.49 -3.01
CA PRO A 86 -6.99 -18.55 -3.62
C PRO A 86 -7.09 -19.81 -2.77
N LYS A 87 -6.10 -20.10 -1.92
N LYS A 87 -6.10 -20.07 -1.92
CA LYS A 87 -6.09 -21.32 -1.14
CA LYS A 87 -6.04 -21.31 -1.14
C LYS A 87 -6.23 -21.06 0.35
C LYS A 87 -6.28 -21.07 0.35
N GLY A 88 -6.71 -19.88 0.74
CA GLY A 88 -6.97 -19.57 2.12
C GLY A 88 -6.07 -18.45 2.63
N PRO A 89 -6.28 -18.06 3.88
CA PRO A 89 -5.52 -16.93 4.44
C PRO A 89 -4.03 -17.22 4.45
N VAL A 90 -3.25 -16.19 4.17
CA VAL A 90 -1.80 -16.27 4.13
C VAL A 90 -1.24 -15.37 5.22
N THR A 91 -0.39 -15.94 6.08
CA THR A 91 0.20 -15.20 7.18
C THR A 91 1.27 -14.23 6.69
N GLN A 92 1.37 -13.09 7.36
CA GLN A 92 2.42 -12.13 7.06
C GLN A 92 3.79 -12.78 7.21
N MET A 93 4.68 -12.50 6.27
CA MET A 93 6.07 -12.90 6.41
C MET A 93 6.93 -11.79 6.99
N TYR A 94 6.43 -10.55 7.03
CA TYR A 94 7.11 -9.46 7.69
C TYR A 94 6.11 -8.66 8.52
N THR A 95 6.51 -8.32 9.73
CA THR A 95 5.70 -7.46 10.61
C THR A 95 6.67 -6.60 11.41
N ASN A 96 6.56 -5.27 11.27
CA ASN A 96 7.40 -4.35 12.03
C ASN A 96 6.55 -3.14 12.44
N VAL A 97 6.05 -3.17 13.67
CA VAL A 97 5.21 -2.10 14.17
C VAL A 97 6.04 -0.83 14.35
N ASP A 98 7.33 -0.97 14.63
CA ASP A 98 8.20 0.20 14.79
C ASP A 98 8.32 0.98 13.49
N LYS A 99 8.19 0.31 12.34
CA LYS A 99 8.23 0.96 11.04
C LYS A 99 6.85 1.15 10.44
N ASP A 100 5.79 0.69 11.13
CA ASP A 100 4.43 0.73 10.58
C ASP A 100 4.35 -0.08 9.28
N LEU A 101 5.01 -1.24 9.26
CA LEU A 101 5.23 -1.99 8.04
C LEU A 101 4.84 -3.45 8.22
N VAL A 102 4.15 -4.00 7.22
CA VAL A 102 3.90 -5.44 7.14
C VAL A 102 4.04 -5.86 5.69
N GLY A 103 4.21 -7.17 5.48
CA GLY A 103 4.34 -7.70 4.15
C GLY A 103 3.89 -9.14 4.03
N TRP A 104 3.24 -9.46 2.91
CA TRP A 104 2.92 -10.83 2.56
C TRP A 104 3.63 -11.20 1.26
N GLN A 105 3.82 -12.50 1.05
CA GLN A 105 4.27 -12.99 -0.25
C GLN A 105 3.36 -12.43 -1.33
N ALA A 106 3.96 -11.93 -2.40
CA ALA A 106 3.19 -11.26 -3.44
C ALA A 106 2.23 -12.23 -4.10
N PRO A 107 0.97 -11.83 -4.34
CA PRO A 107 0.02 -12.75 -4.97
C PRO A 107 0.44 -13.14 -6.38
N GLN A 108 0.08 -14.36 -6.77
CA GLN A 108 0.30 -14.80 -8.14
C GLN A 108 -0.43 -13.86 -9.09
N GLY A 109 0.27 -13.47 -10.16
CA GLY A 109 -0.27 -12.55 -11.15
C GLY A 109 0.13 -11.11 -10.94
N SER A 110 0.48 -10.74 -9.71
CA SER A 110 0.96 -9.39 -9.46
C SER A 110 2.30 -9.17 -10.14
N ARG A 111 2.63 -7.90 -10.33
CA ARG A 111 3.94 -7.48 -10.80
C ARG A 111 4.61 -6.68 -9.68
N SER A 112 5.93 -6.82 -9.58
N SER A 112 5.93 -6.80 -9.59
CA SER A 112 6.70 -6.19 -8.52
CA SER A 112 6.70 -6.19 -8.52
C SER A 112 7.49 -5.01 -9.05
C SER A 112 7.49 -5.00 -9.07
N LEU A 113 7.54 -3.93 -8.27
CA LEU A 113 8.39 -2.79 -8.60
C LEU A 113 9.84 -3.12 -8.21
N THR A 114 10.76 -2.45 -8.88
CA THR A 114 12.17 -2.65 -8.58
C THR A 114 12.66 -1.58 -7.59
N PRO A 115 13.41 -1.95 -6.56
CA PRO A 115 13.92 -0.91 -5.64
C PRO A 115 14.83 0.07 -6.36
N CYS A 116 14.63 1.35 -6.07
CA CYS A 116 15.37 2.40 -6.75
C CYS A 116 16.83 2.44 -6.32
N THR A 117 17.71 2.61 -7.30
CA THR A 117 19.14 2.82 -7.05
C THR A 117 19.63 4.10 -7.69
N CYS A 118 18.72 5.01 -8.06
CA CYS A 118 19.07 6.21 -8.80
C CYS A 118 19.67 7.29 -7.92
N GLY A 119 19.35 7.31 -6.64
CA GLY A 119 19.81 8.38 -5.78
C GLY A 119 19.21 9.73 -6.14
N SER A 120 18.01 9.74 -6.72
N SER A 120 18.02 9.74 -6.72
CA SER A 120 17.35 10.94 -7.19
CA SER A 120 17.39 10.98 -7.19
C SER A 120 16.25 11.36 -6.23
C SER A 120 16.24 11.36 -6.26
N SER A 121 16.00 12.66 -6.15
CA SER A 121 15.05 13.21 -5.20
C SER A 121 13.78 13.78 -5.83
N ASP A 122 13.58 13.58 -7.14
CA ASP A 122 12.34 13.98 -7.80
C ASP A 122 11.44 12.74 -7.85
N LEU A 123 10.45 12.71 -6.97
CA LEU A 123 9.63 11.53 -6.74
C LEU A 123 8.19 11.77 -7.17
N TYR A 124 7.41 10.68 -7.13
CA TYR A 124 6.01 10.70 -7.51
C TYR A 124 5.24 9.76 -6.59
N LEU A 125 4.18 10.28 -5.99
CA LEU A 125 3.31 9.50 -5.11
C LEU A 125 2.05 9.12 -5.85
N VAL A 126 1.66 7.85 -5.75
CA VAL A 126 0.47 7.32 -6.40
C VAL A 126 -0.60 7.09 -5.34
N THR A 127 -1.75 7.75 -5.51
CA THR A 127 -2.83 7.66 -4.54
C THR A 127 -3.86 6.61 -4.95
N ARG A 128 -4.78 6.31 -4.03
CA ARG A 128 -5.83 5.33 -4.29
C ARG A 128 -6.79 5.78 -5.38
N HIS A 129 -6.78 7.07 -5.73
CA HIS A 129 -7.58 7.59 -6.83
C HIS A 129 -6.77 7.71 -8.11
N ALA A 130 -5.60 7.08 -8.17
CA ALA A 130 -4.74 7.08 -9.35
C ALA A 130 -4.18 8.46 -9.68
N ASP A 131 -4.15 9.36 -8.71
CA ASP A 131 -3.44 10.62 -8.87
C ASP A 131 -1.94 10.39 -8.71
N VAL A 132 -1.16 11.02 -9.58
CA VAL A 132 0.30 10.95 -9.52
C VAL A 132 0.79 12.31 -9.05
N ILE A 133 1.24 12.37 -7.80
CA ILE A 133 1.55 13.62 -7.12
C ILE A 133 3.06 13.81 -7.14
N PRO A 134 3.60 14.83 -7.81
CA PRO A 134 5.04 15.10 -7.72
C PRO A 134 5.44 15.44 -6.28
N VAL A 135 6.55 14.85 -5.85
CA VAL A 135 7.06 15.02 -4.49
C VAL A 135 8.56 15.19 -4.56
N ARG A 136 9.08 16.21 -3.88
CA ARG A 136 10.51 16.44 -3.77
C ARG A 136 11.01 15.81 -2.47
N ARG A 137 11.97 14.90 -2.58
CA ARG A 137 12.50 14.25 -1.39
C ARG A 137 13.23 15.26 -0.53
N ARG A 138 12.90 15.28 0.76
CA ARG A 138 13.49 16.23 1.70
C ARG A 138 14.30 15.56 2.79
N GLY A 139 14.35 14.23 2.81
CA GLY A 139 15.11 13.52 3.81
C GLY A 139 15.02 12.03 3.55
N ASP A 140 15.54 11.25 4.49
CA ASP A 140 15.48 9.80 4.31
C ASP A 140 14.06 9.30 4.20
N SER A 141 13.12 9.91 4.93
CA SER A 141 11.75 9.41 5.00
C SER A 141 10.71 10.51 4.79
N ARG A 142 11.11 11.66 4.25
CA ARG A 142 10.21 12.78 4.07
C ARG A 142 10.28 13.29 2.64
N GLY A 143 9.15 13.83 2.16
CA GLY A 143 9.08 14.48 0.88
C GLY A 143 7.99 15.54 0.87
N SER A 144 8.25 16.66 0.20
CA SER A 144 7.28 17.75 0.15
C SER A 144 6.45 17.64 -1.12
N LEU A 145 5.14 17.93 -0.99
CA LEU A 145 4.29 18.03 -2.17
C LEU A 145 4.59 19.34 -2.90
N LEU A 146 4.85 19.23 -4.20
CA LEU A 146 5.03 20.44 -5.00
C LEU A 146 3.76 21.28 -4.99
N SER A 147 2.59 20.64 -4.93
CA SER A 147 1.32 21.34 -4.79
C SER A 147 0.59 20.77 -3.58
N PRO A 148 0.64 21.44 -2.43
CA PRO A 148 -0.04 20.91 -1.24
C PRO A 148 -1.53 20.72 -1.49
N ARG A 149 -2.11 19.79 -0.72
N ARG A 149 -2.11 19.77 -0.75
CA ARG A 149 -3.51 19.42 -0.90
CA ARG A 149 -3.50 19.41 -0.89
C ARG A 149 -4.09 19.05 0.46
C ARG A 149 -4.08 19.10 0.49
N PRO A 150 -5.39 19.22 0.66
CA PRO A 150 -6.01 18.80 1.91
C PRO A 150 -5.71 17.33 2.19
N ILE A 151 -5.64 16.98 3.47
CA ILE A 151 -5.33 15.60 3.83
C ILE A 151 -6.40 14.64 3.35
N SER A 152 -7.63 15.14 3.15
CA SER A 152 -8.68 14.31 2.57
C SER A 152 -8.24 13.67 1.26
N TYR A 153 -7.38 14.37 0.52
N TYR A 153 -7.38 14.35 0.50
CA TYR A 153 -6.88 13.90 -0.77
CA TYR A 153 -6.96 13.81 -0.78
C TYR A 153 -6.01 12.67 -0.63
C TYR A 153 -6.01 12.64 -0.64
N LEU A 154 -5.29 12.54 0.48
CA LEU A 154 -4.35 11.46 0.69
C LEU A 154 -4.90 10.34 1.56
N LYS A 155 -5.99 10.60 2.28
CA LYS A 155 -6.57 9.58 3.15
C LYS A 155 -6.92 8.33 2.34
N GLY A 156 -6.47 7.18 2.84
CA GLY A 156 -6.70 5.92 2.17
C GLY A 156 -5.62 5.52 1.19
N SER A 157 -4.50 6.23 1.15
CA SER A 157 -3.42 5.93 0.23
C SER A 157 -2.18 5.39 0.94
N SER A 158 -2.19 5.28 2.26
CA SER A 158 -1.09 4.61 2.95
C SER A 158 -0.91 3.23 2.34
N GLY A 159 0.34 2.79 2.26
CA GLY A 159 0.69 1.58 1.56
C GLY A 159 0.97 1.78 0.08
N GLY A 160 0.69 2.96 -0.45
CA GLY A 160 0.99 3.26 -1.84
C GLY A 160 2.44 3.62 -2.04
N PRO A 161 2.86 3.66 -3.30
CA PRO A 161 4.27 3.87 -3.60
C PRO A 161 4.66 5.32 -3.82
N LEU A 162 5.90 5.62 -3.44
CA LEU A 162 6.64 6.75 -3.99
C LEU A 162 7.63 6.18 -4.99
N LEU A 163 7.61 6.72 -6.20
CA LEU A 163 8.42 6.23 -7.31
C LEU A 163 9.40 7.30 -7.77
N CYS A 164 10.49 6.84 -8.38
CA CYS A 164 11.44 7.75 -9.00
C CYS A 164 10.98 8.02 -10.44
N PRO A 165 11.66 8.90 -11.17
CA PRO A 165 11.22 9.18 -12.54
C PRO A 165 11.21 7.94 -13.42
N ALA A 166 12.06 6.96 -13.14
CA ALA A 166 12.16 5.74 -13.94
C ALA A 166 11.18 4.66 -13.49
N GLY A 167 10.33 4.94 -12.51
CA GLY A 167 9.36 3.96 -12.07
C GLY A 167 9.85 2.98 -11.03
N HIS A 168 11.03 3.21 -10.45
CA HIS A 168 11.50 2.37 -9.37
C HIS A 168 10.79 2.73 -8.07
N ALA A 169 10.70 1.76 -7.16
CA ALA A 169 10.10 2.01 -5.86
C ALA A 169 11.09 2.71 -4.95
N VAL A 170 10.71 3.88 -4.44
CA VAL A 170 11.54 4.61 -3.49
C VAL A 170 11.06 4.47 -2.05
N GLY A 171 9.77 4.22 -1.83
CA GLY A 171 9.28 4.07 -0.48
C GLY A 171 7.81 3.74 -0.48
N ILE A 172 7.29 3.52 0.73
CA ILE A 172 5.89 3.20 0.96
C ILE A 172 5.27 4.35 1.76
N PHE A 173 4.19 4.93 1.25
CA PHE A 173 3.53 6.07 1.88
C PHE A 173 2.98 5.67 3.24
N ARG A 174 3.39 6.40 4.28
CA ARG A 174 3.05 6.03 5.65
C ARG A 174 2.18 7.06 6.35
N ALA A 175 2.54 8.35 6.31
CA ALA A 175 1.80 9.35 7.06
C ALA A 175 1.90 10.69 6.35
N ALA A 176 0.90 11.54 6.59
CA ALA A 176 0.85 12.88 6.02
C ALA A 176 1.28 13.90 7.07
N VAL A 177 2.14 14.84 6.66
CA VAL A 177 2.51 15.97 7.50
C VAL A 177 1.50 17.07 7.22
N SER A 178 0.69 17.40 8.23
N SER A 178 0.67 17.39 8.22
CA SER A 178 -0.47 18.26 8.07
CA SER A 178 -0.47 18.27 8.02
C SER A 178 -0.32 19.51 8.93
C SER A 178 -0.34 19.52 8.88
N THR A 179 -0.70 20.66 8.36
N THR A 179 -0.77 20.65 8.30
CA THR A 179 -0.83 21.91 9.09
CA THR A 179 -0.84 21.92 9.00
C THR A 179 -2.16 22.53 8.71
C THR A 179 -2.19 22.55 8.68
N ARG A 180 -3.04 22.69 9.69
CA ARG A 180 -4.39 23.21 9.47
C ARG A 180 -5.11 22.38 8.41
N GLY A 181 -4.89 21.08 8.44
CA GLY A 181 -5.56 20.16 7.53
C GLY A 181 -5.00 20.10 6.13
N VAL A 182 -3.91 20.79 5.84
CA VAL A 182 -3.30 20.80 4.51
C VAL A 182 -2.02 19.96 4.56
N ALA A 183 -1.91 19.01 3.63
CA ALA A 183 -0.73 18.17 3.53
C ALA A 183 0.33 18.90 2.71
N LYS A 184 1.39 19.35 3.38
CA LYS A 184 2.53 19.95 2.68
C LYS A 184 3.67 18.98 2.49
N ALA A 185 3.68 17.86 3.20
CA ALA A 185 4.74 16.87 3.08
C ALA A 185 4.18 15.51 3.43
N VAL A 186 4.91 14.47 3.05
CA VAL A 186 4.54 13.09 3.34
C VAL A 186 5.72 12.39 4.03
N ASP A 187 5.38 11.43 4.87
CA ASP A 187 6.34 10.54 5.51
C ASP A 187 6.19 9.15 4.90
N PHE A 188 7.30 8.52 4.54
CA PHE A 188 7.25 7.23 3.87
C PHE A 188 8.32 6.31 4.42
N ILE A 189 8.07 5.01 4.28
CA ILE A 189 9.02 3.97 4.67
C ILE A 189 10.01 3.81 3.52
N PRO A 190 11.29 4.15 3.70
CA PRO A 190 12.24 4.03 2.59
C PRO A 190 12.38 2.60 2.13
N VAL A 191 12.59 2.42 0.82
CA VAL A 191 12.72 1.08 0.27
C VAL A 191 13.91 0.37 0.89
N GLU A 192 14.94 1.11 1.30
CA GLU A 192 16.06 0.50 1.98
C GLU A 192 15.63 -0.15 3.29
N SER A 193 14.67 0.48 3.98
N SER A 193 14.67 0.48 4.00
CA SER A 193 14.16 -0.10 5.22
CA SER A 193 14.16 -0.12 5.22
C SER A 193 13.45 -1.42 4.94
C SER A 193 13.45 -1.42 4.94
N LEU A 194 12.68 -1.47 3.85
CA LEU A 194 12.08 -2.74 3.44
C LEU A 194 13.16 -3.78 3.17
N GLU A 195 14.24 -3.37 2.49
CA GLU A 195 15.31 -4.30 2.17
C GLU A 195 16.01 -4.81 3.42
N THR A 196 16.21 -3.95 4.42
CA THR A 196 16.77 -4.41 5.69
C THR A 196 15.81 -5.36 6.39
N THR A 197 14.51 -5.03 6.41
CA THR A 197 13.52 -5.94 6.98
C THR A 197 13.58 -7.31 6.30
N MET A 198 13.81 -7.33 4.99
CA MET A 198 13.87 -8.60 4.27
C MET A 198 15.08 -9.44 4.68
N ARG A 199 16.06 -8.84 5.34
CA ARG A 199 17.27 -9.55 5.75
C ARG A 199 17.30 -9.76 7.26
ZN ZN B . 15.16 4.90 -9.59
S SO4 C . -12.42 -0.90 -15.42
O1 SO4 C . -13.29 -1.85 -16.12
O2 SO4 C . -13.05 0.41 -15.40
O3 SO4 C . -12.22 -1.36 -14.05
O4 SO4 C . -11.16 -0.84 -16.13
S SO4 D . -12.79 5.26 -2.66
O1 SO4 D . -13.85 5.39 -3.64
O2 SO4 D . -11.49 5.44 -3.32
O3 SO4 D . -12.85 3.92 -2.07
O4 SO4 D . -12.96 6.26 -1.62
S SO4 E . 11.88 3.91 9.02
O1 SO4 E . 10.58 3.35 9.38
O2 SO4 E . 11.71 5.31 8.62
O3 SO4 E . 12.78 3.84 10.16
O4 SO4 E . 12.45 3.15 7.92
S SO4 F . -13.13 -7.20 11.80
O1 SO4 F . -14.47 -7.56 11.35
O2 SO4 F . -13.09 -5.77 12.09
O3 SO4 F . -12.82 -7.94 13.01
O4 SO4 F . -12.16 -7.51 10.77
C10 GKM G . -3.61 11.61 9.82
C13 GKM G . -2.33 9.34 5.44
C15 GKM G . 3.24 7.27 11.46
C17 GKM G . -1.20 7.17 11.93
C20 GKM G . -2.23 12.34 9.85
C21 GKM G . -4.61 12.49 9.01
C22 GKM G . -5.73 4.18 7.15
C24 GKM G . -5.08 2.80 7.12
C26 GKM G . 3.42 12.56 11.77
C28 GKM G . 4.05 11.14 11.77
C01 GKM G . 0.98 6.19 12.31
C02 GKM G . -1.68 6.62 10.89
C03 GKM G . -3.68 11.81 6.74
C04 GKM G . -4.02 11.24 5.35
C05 GKM G . -2.27 7.95 6.05
C06 GKM G . -2.07 7.93 8.52
C07 GKM G . -3.43 7.04 5.66
C08 GKM G . -1.61 8.67 11.81
C09 GKM G . -1.17 11.47 10.50
C11 GKM G . -4.93 11.78 7.66
C12 GKM G . -3.44 10.15 4.76
C14 GKM G . -1.34 8.29 4.88
C16 GKM G . 2.50 6.12 12.12
C18 GKM G . -1.18 7.69 9.75
C19 GKM G . -1.01 10.19 9.66
C23 GKM G . -6.56 2.96 6.77
C25 GKM G . 1.11 11.94 11.32
C27 GKM G . 4.49 13.40 11.06
C29 GKM G . 3.16 13.10 13.19
C30 GKM G . 0.97 3.98 13.38
C31 GKM G . 0.15 2.86 14.03
C32 GKM G . 0.86 1.62 14.53
C33 GKM G . -1.27 0.86 15.38
C34 GKM G . 2.38 1.48 14.38
C35 GKM G . 3.20 2.59 13.72
C36 GKM G . 2.47 3.86 13.22
C37 GKM G . -5.99 4.87 8.51
C53 GKM G . 5.08 12.45 10.01
C54 GKM G . 5.17 11.10 10.73
N38 GKM G . -1.25 8.88 10.31
N39 GKM G . -1.45 7.68 7.21
N40 GKM G . -3.96 6.17 6.41
N41 GKM G . 0.04 12.21 10.45
N42 GKM G . 0.22 5.14 12.92
N43 GKM G . 3.23 4.95 12.58
O44 GKM G . 0.29 7.32 11.87
O45 GKM G . -0.73 10.28 8.50
O46 GKM G . -3.20 8.30 8.62
O47 GKM G . -5.05 4.54 4.52
O48 GKM G . -6.37 6.19 5.64
O49 GKM G . 1.06 11.16 12.28
O50 GKM G . 2.22 12.63 10.99
O51 GKM G . 0.11 0.61 15.13
O55 GKM G . -3.95 7.18 4.36
S52 GKM G . -5.25 5.27 5.79
H102 GKM G . -3.52 10.74 9.40
H101 GKM G . -3.93 11.49 10.73
H131 GKM G . -1.82 9.93 6.00
H152 GKM G . 2.94 8.11 11.83
H153 GKM G . 3.06 7.26 10.50
H151 GKM G . 4.19 7.17 11.61
H171 GKM G . -1.52 6.76 12.75
H201 GKM G . -2.31 13.17 10.34
H202 GKM G . -1.96 12.54 8.94
H212 GKM G . -5.43 12.61 9.52
H211 GKM G . -4.21 13.36 8.84
H242 GKM G . -4.49 2.63 6.37
H241 GKM G . -4.89 2.40 8.00
H282 GKM G . 3.38 10.48 11.54
H281 GKM G . 4.43 10.96 12.65
H022 GKM G . -1.28 5.74 10.74
H021 GKM G . -2.65 6.57 10.92
H032 GKM G . -3.38 12.73 6.64
H031 GKM G . -2.98 11.28 7.14
H041 GKM G . -4.69 11.67 4.87
H082 GKM G . -2.57 8.79 11.95
H081 GKM G . -1.08 9.23 12.39
H091 GKM G . -1.40 11.26 11.43
H111 GKM G . -5.19 10.87 7.83
H112 GKM G . -5.67 12.25 7.22
H121 GKM G . -3.73 9.89 3.91
H142 GKM G . -0.41 8.43 5.10
H141 GKM G . -1.58 7.90 4.02
H181 GKM G . -0.26 7.48 9.49
H232 GKM G . -6.78 2.87 5.84
H231 GKM G . -7.19 2.65 7.45
H271 GKM G . 4.08 14.17 10.63
H272 GKM G . 5.17 13.69 11.69
H293 GKM G . 2.64 13.93 13.12
H291 GKM G . 4.00 13.29 13.64
H292 GKM G . 2.65 12.45 13.70
H311 GKM G . -0.77 2.96 14.13
H333 GKM G . -1.65 0.10 15.84
H332 GKM G . -1.73 0.99 14.54
H331 GKM G . -1.36 1.65 15.93
H341 GKM G . 2.81 0.72 14.69
H351 GKM G . 4.12 2.52 13.63
H373 GKM G . -6.85 5.32 8.50
H372 GKM G . -5.29 5.51 8.69
H371 GKM G . -6.00 4.20 9.22
H531 GKM G . 5.98 12.75 9.74
H532 GKM G . 4.50 12.40 9.23
H541 GKM G . 6.03 11.01 11.16
H542 GKM G . 5.01 10.39 10.10
H391 GKM G . -0.56 7.72 7.14
H401 GKM G . -3.88 6.25 7.29
H411 GKM G . 0.14 12.83 9.87
C1 GOL H . -10.02 -0.29 13.20
O1 GOL H . -10.94 0.11 12.22
C2 GOL H . -9.26 -1.51 12.61
O2 GOL H . -8.07 -1.12 12.01
C3 GOL H . -9.03 -2.46 13.81
O3 GOL H . -10.10 -3.35 13.81
H11 GOL H . -9.39 0.41 13.42
H12 GOL H . -10.45 -0.54 14.03
H2 GOL H . -9.79 -1.94 11.93
HO2 GOL H . -8.20 -1.13 11.18
H31 GOL H . -8.17 -2.89 13.72
H32 GOL H . -8.97 -1.94 14.63
HO3 GOL H . -9.97 -3.89 14.46
C1 GOL I . 13.01 -11.01 -6.04
O1 GOL I . 13.42 -9.71 -5.76
C2 GOL I . 11.65 -10.91 -6.76
O2 GOL I . 11.80 -10.72 -8.13
C3 GOL I . 10.92 -12.23 -6.43
O3 GOL I . 9.75 -12.23 -7.19
H11 GOL I . 13.63 -11.50 -6.60
H12 GOL I . 12.91 -11.56 -5.24
H2 GOL I . 11.15 -10.14 -6.43
H31 GOL I . 11.51 -12.98 -6.63
H32 GOL I . 10.76 -12.28 -5.48
HO3 GOL I . 9.83 -11.62 -7.77
C1 GOL J . 18.96 4.91 -3.64
O1 GOL J . 19.41 5.40 -4.86
C2 GOL J . 17.97 5.96 -3.06
O2 GOL J . 17.79 7.03 -3.92
C3 GOL J . 16.63 5.25 -2.78
O3 GOL J . 16.38 5.43 -1.42
H11 GOL J . 19.69 4.76 -3.01
H12 GOL J . 18.52 4.05 -3.72
H2 GOL J . 18.34 6.30 -2.23
H31 GOL J . 15.94 5.62 -3.35
H32 GOL J . 16.69 4.32 -3.04
HO3 GOL J . 15.55 5.64 -1.34
C1 GOL K . -13.01 0.57 -1.17
O1 GOL K . -14.20 0.55 -0.42
C2 GOL K . -13.44 0.79 -2.64
O2 GOL K . -14.82 0.74 -2.79
C3 GOL K . -12.72 -0.30 -3.47
O3 GOL K . -12.54 0.22 -4.75
H11 GOL K . -12.41 1.27 -0.89
H12 GOL K . -12.52 -0.26 -1.11
HO1 GOL K . -14.71 1.14 -0.75
H2 GOL K . -13.16 1.68 -2.93
HO2 GOL K . -15.04 -0.07 -2.89
H31 GOL K . -11.88 -0.52 -3.03
H32 GOL K . -13.24 -1.11 -3.45
HO3 GOL K . -13.26 0.06 -5.18
C1 GOL L . -14.09 0.27 4.70
O1 GOL L . -13.97 1.42 3.92
C2 GOL L . -14.11 -0.93 3.73
O2 GOL L . -12.84 -1.31 3.37
C3 GOL L . -14.85 -2.05 4.48
O3 GOL L . -15.01 -3.08 3.55
H11 GOL L . -13.36 0.16 5.33
H12 GOL L . -14.89 0.27 5.23
HO1 GOL L . -13.43 1.22 3.28
H2 GOL L . -14.57 -0.69 2.91
HO2 GOL L . -12.45 -1.60 4.07
H31 GOL L . -14.35 -2.30 5.27
H32 GOL L . -15.70 -1.70 4.81
HO3 GOL L . -14.42 -3.66 3.74
#